data_1SPB
#
_entry.id   1SPB
#
_cell.length_a   74.100
_cell.length_b   77.850
_cell.length_c   57.650
_cell.angle_alpha   90.00
_cell.angle_beta   90.00
_cell.angle_gamma   90.00
#
_symmetry.space_group_name_H-M   'P 21 21 2'
#
loop_
_entity.id
_entity.type
_entity.pdbx_description
1 polymer "SUBTILISIN BPN' PROSEGMENT"
2 polymer "SUBTILISIN BPN'"
3 non-polymer 'SODIUM ION'
4 water water
#
loop_
_entity_poly.entity_id
_entity_poly.type
_entity_poly.pdbx_seq_one_letter_code
_entity_poly.pdbx_strand_id
1 'polypeptide(L)' AGSNGAQEKKYIVGFKQTMSTMSAAKKKDVISEKGGKVQKQFKYVDAASATLNEKAVKELKKDPSVAYVEEDHVAHAY P
2 'polypeptide(L)'
;AQSVPYGVSQIKAPALHSQGYTGSNVKVAVINSGIDSSHPDLNVAGGASFVPSETNPFQDNNSHGTHVAGTVLAVAPSAS
LYAVKVLGADGSGQYSWIINGIEWAIANNMDVINMSLGGPSGSAALKAAVDKAVASGVVVVAAAGNEGTSGSSSTVGYPG
KYPSVIAVGAVDSSNQRASFSSVGPELDVMAPGVSIVSTLPGNKYGAKSGTAMASPHVAGAAALILSKHPNWTNTQVRSS
LENTTTKLGDSFYYGKGLINVQAAAQ
;
S
#
# COMPACT_ATOMS: atom_id res chain seq x y z
N GLU A 8 -10.25 -1.09 21.51
CA GLU A 8 -11.24 -0.55 22.45
C GLU A 8 -12.54 -0.13 21.83
N LYS A 9 -12.74 1.03 21.29
CA LYS A 9 -13.95 1.56 20.73
C LYS A 9 -14.05 1.51 19.21
N LYS A 10 -12.95 1.53 18.48
CA LYS A 10 -12.89 1.51 17.01
C LYS A 10 -12.83 0.10 16.45
N TYR A 11 -13.84 -0.20 15.67
CA TYR A 11 -14.19 -1.48 15.05
C TYR A 11 -14.67 -1.29 13.63
N ILE A 12 -14.65 -2.37 12.87
CA ILE A 12 -15.12 -2.50 11.50
C ILE A 12 -16.16 -3.65 11.60
N VAL A 13 -17.36 -3.27 11.18
CA VAL A 13 -18.53 -4.22 11.16
C VAL A 13 -18.64 -4.77 9.74
N GLY A 14 -18.46 -6.07 9.56
CA GLY A 14 -18.62 -6.77 8.25
C GLY A 14 -20.10 -7.21 8.06
N PHE A 15 -20.71 -6.86 6.94
CA PHE A 15 -22.11 -7.26 6.64
C PHE A 15 -22.26 -8.51 5.81
N LYS A 16 -23.41 -9.20 6.09
CA LYS A 16 -23.89 -10.33 5.27
C LYS A 16 -24.76 -9.69 4.17
N GLN A 17 -24.61 -10.06 2.89
CA GLN A 17 -25.56 -9.44 1.95
C GLN A 17 -26.70 -10.45 1.66
N THR A 18 -26.50 -11.67 1.10
CA THR A 18 -27.71 -12.53 0.92
C THR A 18 -27.89 -13.44 2.10
N MET A 19 -27.01 -13.37 3.08
CA MET A 19 -27.21 -13.88 4.41
C MET A 19 -28.00 -12.85 5.24
N SER A 20 -28.01 -11.51 4.87
CA SER A 20 -28.55 -10.38 5.49
C SER A 20 -28.78 -8.92 5.24
N THR A 21 -27.83 -8.04 4.94
CA THR A 21 -27.90 -6.56 4.90
C THR A 21 -27.40 -5.95 3.63
N MET A 22 -28.07 -4.91 3.16
CA MET A 22 -27.77 -4.20 1.92
C MET A 22 -27.69 -2.70 2.06
N SER A 23 -28.75 -1.95 2.34
CA SER A 23 -28.75 -0.49 2.36
C SER A 23 -27.87 0.19 3.39
N ALA A 24 -27.35 1.36 3.03
CA ALA A 24 -26.56 2.25 3.90
C ALA A 24 -27.39 2.70 5.12
N ALA A 25 -28.71 2.84 4.88
CA ALA A 25 -29.71 3.08 5.90
C ALA A 25 -30.06 1.86 6.71
N LYS A 26 -30.00 0.65 6.14
CA LYS A 26 -30.09 -0.60 6.92
C LYS A 26 -28.82 -0.89 7.70
N LYS A 27 -27.66 -0.72 7.10
CA LYS A 27 -26.33 -0.87 7.66
C LYS A 27 -26.07 -0.06 8.92
N LYS A 28 -26.54 1.15 8.93
CA LYS A 28 -26.60 2.19 9.92
C LYS A 28 -27.57 1.87 11.05
N ASP A 29 -28.77 1.37 10.76
CA ASP A 29 -29.76 0.91 11.70
C ASP A 29 -29.31 -0.38 12.39
N VAL A 30 -28.82 -1.35 11.71
CA VAL A 30 -28.18 -2.58 12.25
C VAL A 30 -27.11 -2.25 13.35
N ILE A 31 -26.38 -1.16 13.22
CA ILE A 31 -25.37 -0.68 14.18
C ILE A 31 -26.08 0.02 15.37
N SER A 32 -26.79 1.10 15.10
CA SER A 32 -27.53 1.90 16.08
C SER A 32 -28.57 1.18 16.90
N GLU A 33 -29.12 0.10 16.39
CA GLU A 33 -29.97 -0.83 17.07
C GLU A 33 -29.27 -1.51 18.25
N LYS A 34 -27.97 -1.69 18.13
CA LYS A 34 -27.18 -2.32 19.20
C LYS A 34 -26.26 -1.30 19.91
N GLY A 35 -26.65 -0.04 19.84
CA GLY A 35 -25.96 1.07 20.55
C GLY A 35 -24.62 1.47 19.90
N GLY A 36 -24.44 1.08 18.65
CA GLY A 36 -23.23 1.44 17.88
C GLY A 36 -23.46 2.80 17.23
N LYS A 37 -22.35 3.38 16.80
CA LYS A 37 -22.31 4.68 16.12
C LYS A 37 -21.41 4.49 14.92
N VAL A 38 -22.08 4.28 13.77
CA VAL A 38 -21.62 4.16 12.40
C VAL A 38 -20.67 5.32 12.02
N GLN A 39 -19.51 4.95 11.52
CA GLN A 39 -18.52 5.96 11.12
C GLN A 39 -18.47 6.23 9.64
N LYS A 40 -18.00 5.29 8.87
CA LYS A 40 -17.78 5.30 7.43
C LYS A 40 -18.17 3.94 6.87
N GLN A 41 -19.16 4.07 6.05
CA GLN A 41 -19.82 3.06 5.22
C GLN A 41 -19.00 3.02 3.90
N PHE A 42 -18.35 1.89 3.77
CA PHE A 42 -17.55 1.44 2.65
C PHE A 42 -18.29 1.26 1.35
N LYS A 43 -17.65 1.68 0.27
CA LYS A 43 -18.22 1.69 -1.08
C LYS A 43 -18.32 0.34 -1.76
N TYR A 44 -17.32 -0.48 -1.62
CA TYR A 44 -17.08 -1.75 -2.31
C TYR A 44 -17.02 -2.92 -1.39
N VAL A 45 -16.40 -2.76 -0.22
CA VAL A 45 -16.27 -3.67 0.90
C VAL A 45 -17.66 -3.62 1.64
N ASP A 46 -18.22 -4.81 1.87
CA ASP A 46 -19.50 -4.93 2.63
C ASP A 46 -19.35 -4.81 4.12
N ALA A 47 -18.93 -3.61 4.52
CA ALA A 47 -18.50 -3.25 5.90
C ALA A 47 -18.55 -1.77 6.16
N ALA A 48 -18.53 -1.44 7.47
CA ALA A 48 -18.51 -0.08 7.97
C ALA A 48 -17.65 -0.02 9.22
N SER A 49 -17.01 1.13 9.37
CA SER A 49 -16.31 1.54 10.60
C SER A 49 -17.36 2.00 11.63
N ALA A 50 -17.25 1.54 12.87
CA ALA A 50 -18.23 1.89 13.94
C ALA A 50 -17.60 2.11 15.27
N THR A 51 -18.21 2.95 16.09
CA THR A 51 -17.90 3.21 17.50
C THR A 51 -18.84 2.30 18.32
N LEU A 52 -18.20 1.32 18.92
CA LEU A 52 -18.81 0.29 19.71
C LEU A 52 -18.19 0.11 21.08
N ASN A 53 -19.11 0.08 22.05
CA ASN A 53 -18.78 -0.35 23.45
C ASN A 53 -18.72 -1.88 23.45
N GLU A 54 -18.29 -2.47 24.53
CA GLU A 54 -18.23 -3.94 24.78
C GLU A 54 -19.52 -4.71 24.61
N LYS A 55 -20.64 -4.02 24.86
CA LYS A 55 -22.02 -4.50 24.73
C LYS A 55 -22.39 -4.59 23.24
N ALA A 56 -22.19 -3.52 22.51
CA ALA A 56 -22.36 -3.36 21.08
C ALA A 56 -21.56 -4.34 20.25
N VAL A 57 -20.33 -4.71 20.66
CA VAL A 57 -19.47 -5.75 20.09
C VAL A 57 -20.13 -7.14 20.31
N LYS A 58 -20.52 -7.52 21.52
CA LYS A 58 -21.22 -8.80 21.75
C LYS A 58 -22.62 -8.88 21.17
N GLU A 59 -23.43 -7.84 21.18
CA GLU A 59 -24.75 -7.79 20.55
C GLU A 59 -24.72 -7.89 19.02
N LEU A 60 -23.83 -7.15 18.39
CA LEU A 60 -23.43 -7.07 17.03
C LEU A 60 -22.79 -8.32 16.51
N LYS A 61 -21.99 -9.03 17.33
CA LYS A 61 -21.47 -10.37 16.98
C LYS A 61 -22.55 -11.43 16.78
N LYS A 62 -23.66 -11.34 17.51
CA LYS A 62 -24.79 -12.23 17.39
C LYS A 62 -25.87 -11.89 16.43
N ASP A 63 -25.89 -10.68 15.85
CA ASP A 63 -26.88 -10.20 14.87
C ASP A 63 -26.80 -11.01 13.56
N PRO A 64 -28.00 -11.40 13.11
CA PRO A 64 -28.20 -12.14 11.87
C PRO A 64 -27.73 -11.53 10.55
N SER A 65 -27.53 -10.24 10.59
CA SER A 65 -27.07 -9.33 9.57
C SER A 65 -25.55 -9.06 9.48
N VAL A 66 -24.83 -9.53 10.48
CA VAL A 66 -23.39 -9.32 10.78
C VAL A 66 -22.64 -10.60 10.45
N ALA A 67 -21.56 -10.38 9.71
CA ALA A 67 -20.60 -11.42 9.33
C ALA A 67 -19.39 -11.48 10.28
N TYR A 68 -18.87 -10.37 10.74
CA TYR A 68 -17.76 -10.07 11.53
C TYR A 68 -17.86 -8.67 12.20
N VAL A 69 -17.22 -8.58 13.33
CA VAL A 69 -16.98 -7.43 14.14
C VAL A 69 -15.47 -7.70 14.53
N GLU A 70 -14.70 -6.75 14.02
CA GLU A 70 -13.26 -6.70 14.21
C GLU A 70 -12.82 -5.31 14.61
N GLU A 71 -11.72 -5.21 15.37
CA GLU A 71 -11.11 -3.94 15.74
C GLU A 71 -10.48 -3.24 14.52
N ASP A 72 -10.72 -1.91 14.53
CA ASP A 72 -10.14 -1.02 13.57
C ASP A 72 -8.68 -0.69 14.01
N HIS A 73 -7.82 -1.57 13.58
CA HIS A 73 -6.35 -1.59 13.80
C HIS A 73 -5.59 -0.37 13.31
N VAL A 74 -4.41 -0.15 13.82
CA VAL A 74 -3.50 0.97 13.52
C VAL A 74 -2.37 0.41 12.69
N ALA A 75 -2.21 1.15 11.60
CA ALA A 75 -1.13 0.93 10.62
C ALA A 75 -0.20 2.13 10.70
N HIS A 76 1.06 1.88 10.43
CA HIS A 76 2.14 2.88 10.37
C HIS A 76 2.91 2.77 9.11
N ALA A 77 3.65 3.83 8.74
CA ALA A 77 4.58 3.92 7.64
C ALA A 77 5.90 3.23 8.06
N TYR A 78 6.30 2.35 7.15
CA TYR A 78 7.51 1.54 7.27
C TYR A 78 8.77 2.23 6.88
N SER B 3 22.81 12.94 -8.92
CA SER B 3 21.42 13.28 -8.67
C SER B 3 20.43 12.17 -8.70
N VAL B 4 20.29 11.40 -9.74
CA VAL B 4 19.48 10.20 -9.94
C VAL B 4 19.92 9.17 -8.86
N PRO B 5 18.93 8.86 -7.97
CA PRO B 5 19.15 7.89 -6.89
C PRO B 5 19.69 6.54 -7.32
N TYR B 6 20.58 5.93 -6.54
CA TYR B 6 21.25 4.69 -6.92
C TYR B 6 20.32 3.50 -7.18
N GLY B 7 19.32 3.30 -6.36
CA GLY B 7 18.29 2.32 -6.39
C GLY B 7 17.55 2.11 -7.66
N VAL B 8 17.40 3.16 -8.46
CA VAL B 8 16.91 3.32 -9.83
C VAL B 8 17.74 2.40 -10.75
N SER B 9 19.07 2.49 -10.67
CA SER B 9 20.03 1.66 -11.35
C SER B 9 20.03 0.19 -10.95
N GLN B 10 20.05 -0.05 -9.63
CA GLN B 10 20.01 -1.41 -9.03
C GLN B 10 18.86 -2.32 -9.53
N ILE B 11 17.75 -1.71 -9.77
CA ILE B 11 16.48 -2.33 -10.29
C ILE B 11 16.43 -2.49 -11.78
N LYS B 12 17.42 -1.96 -12.50
CA LYS B 12 17.71 -1.92 -13.93
C LYS B 12 16.74 -1.02 -14.66
N ALA B 13 16.20 0.02 -13.94
CA ALA B 13 15.43 1.12 -14.44
C ALA B 13 16.02 1.91 -15.61
N PRO B 14 17.34 2.20 -15.62
CA PRO B 14 17.96 2.96 -16.71
C PRO B 14 17.89 2.38 -18.12
N ALA B 15 18.04 1.05 -18.26
CA ALA B 15 17.86 0.36 -19.54
C ALA B 15 16.45 0.31 -20.08
N LEU B 16 15.41 0.38 -19.27
CA LEU B 16 14.04 0.47 -19.67
C LEU B 16 13.69 1.87 -20.20
N HIS B 17 14.21 2.90 -19.62
CA HIS B 17 14.17 4.30 -19.91
C HIS B 17 14.70 4.69 -21.28
N SER B 18 15.81 4.12 -21.65
CA SER B 18 16.56 4.17 -22.91
C SER B 18 15.81 3.56 -24.08
N GLN B 19 15.12 2.46 -23.85
CA GLN B 19 14.25 1.71 -24.74
C GLN B 19 12.99 2.48 -25.19
N GLY B 20 12.65 3.53 -24.52
CA GLY B 20 11.86 4.58 -24.29
C GLY B 20 10.72 4.48 -23.32
N TYR B 21 10.91 3.77 -22.22
CA TYR B 21 9.75 3.47 -21.31
C TYR B 21 10.02 4.04 -19.94
N THR B 22 9.09 4.98 -19.67
CA THR B 22 9.16 5.86 -18.51
C THR B 22 7.96 5.92 -17.62
N GLY B 23 6.91 5.20 -17.91
CA GLY B 23 5.71 5.16 -17.14
C GLY B 23 4.57 6.00 -17.56
N SER B 24 4.62 6.54 -18.78
CA SER B 24 3.68 7.31 -19.56
C SER B 24 2.32 6.57 -19.63
N ASN B 25 1.28 7.26 -19.17
CA ASN B 25 -0.12 6.81 -19.08
C ASN B 25 -0.45 5.89 -17.91
N VAL B 26 0.29 5.95 -16.79
CA VAL B 26 0.14 5.06 -15.64
C VAL B 26 -0.19 5.99 -14.44
N LYS B 27 -1.31 5.63 -13.87
CA LYS B 27 -1.88 6.26 -12.67
C LYS B 27 -1.52 5.37 -11.47
N VAL B 28 -0.75 6.04 -10.62
CA VAL B 28 -0.07 5.53 -9.41
C VAL B 28 -0.60 6.32 -8.21
N ALA B 29 -1.19 5.48 -7.28
CA ALA B 29 -1.61 5.94 -5.98
C ALA B 29 -0.54 5.69 -4.94
N VAL B 30 -0.19 6.84 -4.31
CA VAL B 30 0.74 6.73 -3.11
C VAL B 30 -0.28 6.87 -1.93
N ILE B 31 -0.53 5.74 -1.25
CA ILE B 31 -1.40 5.60 -0.08
C ILE B 31 -0.43 5.70 1.12
N ASN B 32 -0.35 6.91 1.68
CA ASN B 32 0.59 7.33 2.70
C ASN B 32 0.11 8.53 3.50
N SER B 33 1.03 9.35 4.01
CA SER B 33 0.91 10.52 4.84
C SER B 33 0.74 11.81 4.10
N GLY B 34 0.53 11.76 2.77
CA GLY B 34 0.45 12.81 1.85
C GLY B 34 1.75 13.10 1.10
N ILE B 35 1.61 14.07 0.19
CA ILE B 35 2.79 14.51 -0.61
C ILE B 35 2.82 16.03 -0.48
N ASP B 36 4.02 16.53 -0.12
CA ASP B 36 4.31 17.96 0.00
C ASP B 36 4.35 18.66 -1.39
N SER B 37 3.39 19.54 -1.54
CA SER B 37 3.12 20.38 -2.69
C SER B 37 4.15 21.45 -3.04
N SER B 38 4.93 21.89 -2.08
CA SER B 38 6.04 22.78 -2.08
C SER B 38 7.32 22.36 -2.77
N HIS B 39 7.52 21.09 -3.00
CA HIS B 39 8.59 20.44 -3.69
C HIS B 39 8.51 20.63 -5.20
N PRO B 40 9.50 21.38 -5.73
CA PRO B 40 9.62 21.67 -7.14
C PRO B 40 9.95 20.49 -8.10
N ASP B 41 10.22 19.36 -7.54
CA ASP B 41 10.64 18.13 -8.15
C ASP B 41 9.65 17.03 -8.17
N LEU B 42 8.44 17.19 -7.62
CA LEU B 42 7.34 16.39 -7.43
C LEU B 42 6.06 16.94 -8.04
N ASN B 43 5.70 16.21 -9.05
CA ASN B 43 4.49 16.44 -9.85
C ASN B 43 3.40 15.50 -9.41
N VAL B 44 2.45 16.17 -8.78
CA VAL B 44 1.22 15.47 -8.23
C VAL B 44 0.12 15.69 -9.30
N ALA B 45 -0.46 14.57 -9.70
CA ALA B 45 -1.63 14.50 -10.59
C ALA B 45 -2.97 14.70 -9.92
N GLY B 46 -3.06 14.56 -8.62
CA GLY B 46 -4.23 14.74 -7.78
C GLY B 46 -4.12 13.98 -6.47
N GLY B 47 -5.31 13.85 -5.90
CA GLY B 47 -5.42 13.07 -4.65
C GLY B 47 -6.65 13.40 -3.81
N ALA B 48 -6.63 12.66 -2.68
CA ALA B 48 -7.63 12.71 -1.63
C ALA B 48 -7.07 12.36 -0.25
N SER B 49 -7.64 13.02 0.76
CA SER B 49 -7.29 12.71 2.18
C SER B 49 -8.45 12.02 2.86
N PHE B 50 -8.03 11.03 3.63
CA PHE B 50 -8.75 10.13 4.50
C PHE B 50 -8.40 10.16 5.98
N VAL B 51 -7.66 11.17 6.38
CA VAL B 51 -7.22 11.39 7.81
C VAL B 51 -8.23 12.49 8.22
N PRO B 52 -9.10 12.13 9.14
CA PRO B 52 -10.17 13.04 9.61
C PRO B 52 -9.78 14.44 10.08
N SER B 53 -8.62 14.59 10.67
CA SER B 53 -7.99 15.82 11.13
C SER B 53 -7.04 16.49 10.13
N GLU B 54 -6.58 15.82 9.10
CA GLU B 54 -5.63 16.35 8.11
C GLU B 54 -6.28 16.16 6.74
N THR B 55 -6.95 17.25 6.36
CA THR B 55 -7.82 17.24 5.17
C THR B 55 -7.17 17.39 3.81
N ASN B 56 -5.99 17.97 3.78
CA ASN B 56 -5.22 18.18 2.56
C ASN B 56 -4.18 17.09 2.33
N PRO B 57 -4.37 16.26 1.26
CA PRO B 57 -3.44 15.25 0.78
C PRO B 57 -1.99 15.71 0.39
N PHE B 58 -1.90 16.99 0.11
CA PHE B 58 -0.82 17.84 -0.37
C PHE B 58 0.09 18.47 0.64
N GLN B 59 -0.21 18.25 1.91
CA GLN B 59 0.52 18.54 3.09
C GLN B 59 0.95 17.17 3.65
N ASP B 60 2.27 17.06 3.78
CA ASP B 60 2.82 15.88 4.47
C ASP B 60 3.54 16.47 5.72
N ASN B 61 2.89 16.14 6.81
CA ASN B 61 3.43 16.49 8.16
C ASN B 61 4.37 15.44 8.73
N ASN B 62 4.43 14.27 8.17
CA ASN B 62 5.22 13.13 8.48
C ASN B 62 6.62 13.20 7.82
N SER B 63 6.75 13.18 6.55
CA SER B 63 7.79 13.08 5.61
C SER B 63 7.77 11.83 4.71
N HIS B 64 7.28 10.67 5.16
CA HIS B 64 7.23 9.40 4.50
C HIS B 64 6.60 9.35 3.10
N GLY B 65 5.42 9.92 2.91
CA GLY B 65 4.74 10.00 1.65
C GLY B 65 5.40 10.84 0.57
N THR B 66 6.09 11.90 0.93
CA THR B 66 6.89 12.78 0.04
C THR B 66 8.10 12.04 -0.52
N HIS B 67 8.80 11.30 0.34
CA HIS B 67 9.94 10.45 0.20
C HIS B 67 9.65 9.27 -0.67
N VAL B 68 8.56 8.55 -0.43
CA VAL B 68 7.99 7.45 -1.18
C VAL B 68 7.70 7.89 -2.65
N ALA B 69 6.96 8.97 -2.79
CA ALA B 69 6.53 9.68 -3.96
C ALA B 69 7.67 10.01 -4.90
N GLY B 70 8.80 10.51 -4.34
CA GLY B 70 10.00 10.79 -5.03
C GLY B 70 10.72 9.52 -5.56
N THR B 71 10.61 8.40 -4.86
CA THR B 71 11.08 7.09 -5.32
C THR B 71 10.30 6.57 -6.51
N VAL B 72 8.97 6.67 -6.50
CA VAL B 72 8.05 6.32 -7.60
C VAL B 72 8.46 7.06 -8.91
N LEU B 73 8.53 8.37 -8.74
CA LEU B 73 8.88 9.25 -9.88
C LEU B 73 10.27 9.21 -10.35
N ALA B 74 11.23 8.71 -9.55
CA ALA B 74 12.62 8.43 -9.98
C ALA B 74 12.75 7.22 -10.87
N VAL B 75 12.07 6.15 -10.57
CA VAL B 75 11.85 4.89 -11.22
C VAL B 75 11.04 5.23 -12.53
N ALA B 76 9.83 5.74 -12.36
CA ALA B 76 8.89 6.05 -13.42
C ALA B 76 8.56 7.54 -13.50
N PRO B 77 9.47 8.30 -14.14
CA PRO B 77 9.36 9.73 -14.32
C PRO B 77 8.19 10.30 -15.06
N SER B 78 7.64 9.54 -15.98
CA SER B 78 6.49 9.89 -16.83
C SER B 78 5.18 9.43 -16.21
N ALA B 79 5.19 8.76 -15.05
CA ALA B 79 4.03 8.28 -14.31
C ALA B 79 3.16 9.34 -13.68
N SER B 80 1.85 9.04 -13.50
CA SER B 80 0.93 9.99 -12.84
C SER B 80 0.80 9.71 -11.35
N LEU B 81 1.34 10.63 -10.52
CA LEU B 81 1.26 10.48 -9.05
C LEU B 81 0.09 11.14 -8.37
N TYR B 82 -0.48 10.39 -7.44
CA TYR B 82 -1.66 10.75 -6.65
C TYR B 82 -1.38 10.56 -5.19
N ALA B 83 -1.67 11.66 -4.47
CA ALA B 83 -1.51 11.66 -2.98
C ALA B 83 -2.79 11.20 -2.34
N VAL B 84 -2.67 9.96 -1.81
CA VAL B 84 -3.87 9.35 -1.12
C VAL B 84 -3.45 9.38 0.38
N LYS B 85 -3.98 10.40 1.10
CA LYS B 85 -3.57 10.55 2.53
C LYS B 85 -4.47 9.70 3.44
N VAL B 86 -3.76 8.70 4.01
CA VAL B 86 -4.32 7.71 4.89
C VAL B 86 -3.72 7.76 6.33
N LEU B 87 -2.54 8.31 6.46
CA LEU B 87 -1.73 8.49 7.62
C LEU B 87 -1.62 9.96 8.05
N GLY B 88 -1.66 10.13 9.38
CA GLY B 88 -1.42 11.47 10.01
C GLY B 88 0.04 11.80 10.21
N ALA B 89 0.28 12.94 10.88
CA ALA B 89 1.55 13.47 11.30
C ALA B 89 2.57 12.55 11.97
N ASP B 90 2.10 11.60 12.71
CA ASP B 90 2.88 10.57 13.45
C ASP B 90 3.20 9.34 12.61
N GLY B 91 2.71 9.22 11.38
CA GLY B 91 2.84 8.14 10.46
C GLY B 91 1.95 6.94 10.64
N SER B 92 0.86 7.05 11.33
CA SER B 92 -0.16 6.12 11.69
C SER B 92 -1.56 6.53 11.20
N GLY B 93 -2.30 5.54 10.80
CA GLY B 93 -3.69 5.66 10.45
C GLY B 93 -4.43 4.40 10.76
N GLN B 94 -5.74 4.63 10.75
CA GLN B 94 -6.75 3.53 10.96
C GLN B 94 -6.92 2.68 9.72
N TYR B 95 -7.15 1.38 9.88
CA TYR B 95 -7.40 0.44 8.80
C TYR B 95 -8.55 0.76 7.85
N SER B 96 -9.54 1.49 8.34
CA SER B 96 -10.67 2.07 7.69
C SER B 96 -10.33 3.19 6.71
N TRP B 97 -9.50 4.10 7.13
CA TRP B 97 -8.75 5.18 6.50
C TRP B 97 -7.89 4.62 5.37
N ILE B 98 -7.26 3.47 5.56
CA ILE B 98 -6.53 2.72 4.54
C ILE B 98 -7.56 2.16 3.50
N ILE B 99 -8.64 1.54 3.94
CA ILE B 99 -9.78 1.06 3.12
C ILE B 99 -10.35 2.19 2.25
N ASN B 100 -10.69 3.29 2.85
CA ASN B 100 -11.14 4.49 2.15
C ASN B 100 -10.16 5.00 1.10
N GLY B 101 -8.88 4.83 1.35
CA GLY B 101 -7.82 5.15 0.36
C GLY B 101 -7.78 4.23 -0.80
N ILE B 102 -7.87 2.93 -0.58
CA ILE B 102 -7.91 1.82 -1.58
C ILE B 102 -9.10 2.04 -2.56
N GLU B 103 -10.21 2.31 -1.94
CA GLU B 103 -11.52 2.60 -2.44
C GLU B 103 -11.62 3.79 -3.35
N TRP B 104 -10.98 4.90 -3.02
CA TRP B 104 -10.77 6.04 -3.92
C TRP B 104 -9.89 5.63 -5.13
N ALA B 105 -8.87 4.80 -4.90
CA ALA B 105 -8.00 4.34 -5.97
C ALA B 105 -8.63 3.41 -6.99
N ILE B 106 -9.64 2.62 -6.59
CA ILE B 106 -10.52 1.74 -7.32
C ILE B 106 -11.44 2.71 -8.15
N ALA B 107 -12.15 3.59 -7.48
CA ALA B 107 -12.98 4.62 -8.00
C ALA B 107 -12.34 5.59 -8.99
N ASN B 108 -11.05 5.89 -8.73
CA ASN B 108 -10.32 6.82 -9.58
C ASN B 108 -9.54 6.29 -10.72
N ASN B 109 -9.60 5.01 -10.97
CA ASN B 109 -9.06 4.21 -12.02
C ASN B 109 -7.52 4.25 -12.06
N MET B 110 -7.00 3.98 -10.84
CA MET B 110 -5.63 3.78 -10.48
C MET B 110 -5.20 2.38 -11.00
N ASP B 111 -4.07 2.49 -11.67
CA ASP B 111 -3.33 1.39 -12.26
C ASP B 111 -2.42 0.68 -11.24
N VAL B 112 -1.82 1.43 -10.36
CA VAL B 112 -0.84 0.98 -9.35
C VAL B 112 -1.15 1.72 -8.04
N ILE B 113 -1.17 0.87 -7.03
CA ILE B 113 -1.32 1.25 -5.60
C ILE B 113 0.05 0.79 -4.98
N ASN B 114 0.58 1.73 -4.22
CA ASN B 114 1.67 1.61 -3.30
C ASN B 114 1.04 1.85 -1.86
N MET B 115 1.39 0.92 -0.98
CA MET B 115 1.13 0.99 0.45
C MET B 115 2.43 0.72 1.22
N SER B 116 3.16 1.78 1.56
CA SER B 116 4.47 1.74 2.26
C SER B 116 4.26 1.83 3.78
N LEU B 117 3.33 0.96 4.21
CA LEU B 117 2.70 0.87 5.54
C LEU B 117 2.19 -0.54 5.86
N GLY B 118 1.71 -0.71 7.08
CA GLY B 118 1.11 -1.90 7.62
C GLY B 118 1.00 -1.88 9.16
N GLY B 119 0.38 -2.93 9.59
CA GLY B 119 0.13 -3.30 11.00
C GLY B 119 0.31 -4.80 11.19
N PRO B 120 0.56 -5.19 12.46
CA PRO B 120 0.74 -6.60 12.83
C PRO B 120 -0.44 -7.57 12.68
N SER B 121 -1.63 -7.03 12.87
CA SER B 121 -2.90 -7.69 12.93
C SER B 121 -3.70 -7.66 11.67
N GLY B 122 -4.28 -8.84 11.36
CA GLY B 122 -5.16 -9.00 10.22
C GLY B 122 -6.48 -8.26 10.31
N SER B 123 -7.09 -8.02 9.20
CA SER B 123 -8.40 -7.39 8.94
C SER B 123 -9.09 -8.04 7.74
N ALA B 124 -10.34 -8.55 7.95
CA ALA B 124 -11.16 -9.08 6.87
C ALA B 124 -11.57 -8.03 5.84
N ALA B 125 -11.72 -6.81 6.31
CA ALA B 125 -12.09 -5.57 5.61
C ALA B 125 -10.92 -5.06 4.81
N LEU B 126 -9.68 -5.03 5.41
CA LEU B 126 -8.43 -4.81 4.72
C LEU B 126 -8.15 -5.82 3.60
N LYS B 127 -8.49 -7.09 3.76
CA LYS B 127 -8.45 -8.12 2.73
C LYS B 127 -9.45 -7.86 1.61
N ALA B 128 -10.73 -7.54 1.92
CA ALA B 128 -11.74 -7.22 0.99
C ALA B 128 -11.44 -6.03 0.10
N ALA B 129 -10.82 -5.00 0.67
CA ALA B 129 -10.36 -3.80 -0.04
C ALA B 129 -9.18 -4.09 -0.95
N VAL B 130 -8.15 -4.79 -0.55
CA VAL B 130 -7.00 -5.16 -1.43
C VAL B 130 -7.40 -6.12 -2.57
N ASP B 131 -8.28 -7.07 -2.21
CA ASP B 131 -8.80 -8.13 -3.01
C ASP B 131 -9.64 -7.70 -4.21
N LYS B 132 -10.44 -6.67 -3.94
CA LYS B 132 -11.26 -5.88 -4.82
C LYS B 132 -10.37 -4.99 -5.70
N ALA B 133 -9.31 -4.37 -5.21
CA ALA B 133 -8.38 -3.61 -6.06
C ALA B 133 -7.63 -4.41 -7.13
N VAL B 134 -7.25 -5.63 -6.85
CA VAL B 134 -6.68 -6.74 -7.54
C VAL B 134 -7.79 -7.26 -8.51
N ALA B 135 -8.95 -7.66 -8.06
CA ALA B 135 -10.10 -8.03 -8.94
C ALA B 135 -10.56 -7.00 -9.94
N SER B 136 -10.32 -5.75 -9.59
CA SER B 136 -10.53 -4.58 -10.45
C SER B 136 -9.41 -4.38 -11.46
N GLY B 137 -8.28 -5.07 -11.43
CA GLY B 137 -7.12 -4.95 -12.26
C GLY B 137 -6.02 -4.01 -11.84
N VAL B 138 -5.94 -3.62 -10.60
CA VAL B 138 -4.94 -2.75 -10.00
C VAL B 138 -3.74 -3.68 -9.56
N VAL B 139 -2.53 -3.12 -9.85
CA VAL B 139 -1.28 -3.77 -9.35
C VAL B 139 -1.22 -3.13 -7.88
N VAL B 140 -1.28 -4.06 -6.97
CA VAL B 140 -1.21 -3.72 -5.51
C VAL B 140 0.13 -4.16 -4.98
N VAL B 141 0.79 -3.16 -4.50
CA VAL B 141 2.16 -3.16 -3.97
C VAL B 141 2.13 -2.65 -2.51
N ALA B 142 2.82 -3.40 -1.66
CA ALA B 142 2.96 -3.04 -0.24
C ALA B 142 4.34 -3.38 0.31
N ALA B 143 4.76 -2.54 1.24
CA ALA B 143 5.99 -2.75 2.09
C ALA B 143 5.79 -3.94 3.02
N ALA B 144 6.83 -4.82 3.14
CA ALA B 144 6.63 -6.06 3.93
C ALA B 144 6.62 -5.94 5.43
N GLY B 145 7.14 -4.81 5.94
CA GLY B 145 7.33 -4.57 7.33
C GLY B 145 8.82 -4.51 7.69
N ASN B 146 8.95 -3.82 8.82
CA ASN B 146 10.28 -3.59 9.45
C ASN B 146 10.47 -4.40 10.72
N GLU B 147 9.99 -5.68 10.71
CA GLU B 147 10.02 -6.45 12.00
C GLU B 147 11.03 -7.42 12.29
N GLY B 148 12.01 -7.59 11.35
CA GLY B 148 13.12 -8.47 11.38
C GLY B 148 12.69 -9.93 11.25
N THR B 149 13.42 -10.66 12.07
CA THR B 149 13.30 -12.09 12.31
C THR B 149 12.67 -12.32 13.67
N SER B 150 11.64 -13.18 13.73
CA SER B 150 11.06 -13.53 15.06
C SER B 150 10.97 -15.02 15.16
N GLY B 151 12.14 -15.71 15.12
CA GLY B 151 12.23 -17.17 15.15
C GLY B 151 11.77 -17.84 13.86
N SER B 152 10.70 -18.58 13.97
CA SER B 152 10.05 -19.30 12.84
C SER B 152 8.88 -18.58 12.20
N SER B 153 8.44 -17.49 12.80
CA SER B 153 7.29 -16.70 12.51
C SER B 153 7.48 -15.74 11.38
N SER B 154 6.30 -15.50 10.71
CA SER B 154 6.19 -14.45 9.70
C SER B 154 6.02 -13.13 10.56
N THR B 155 6.82 -12.24 10.15
CA THR B 155 6.91 -10.85 10.61
C THR B 155 6.38 -9.84 9.66
N VAL B 156 5.80 -10.23 8.51
CA VAL B 156 5.12 -9.57 7.41
C VAL B 156 3.85 -8.89 8.00
N GLY B 157 3.80 -7.56 7.78
CA GLY B 157 2.60 -6.83 8.19
C GLY B 157 1.50 -6.94 7.09
N TYR B 158 0.38 -6.41 7.51
CA TYR B 158 -0.83 -6.30 6.61
C TYR B 158 -0.87 -4.88 6.16
N PRO B 159 -1.15 -4.54 4.88
CA PRO B 159 -1.52 -5.38 3.78
C PRO B 159 -0.62 -6.30 3.03
N GLY B 160 0.71 -6.20 3.28
CA GLY B 160 1.70 -7.01 2.49
C GLY B 160 1.61 -8.51 2.63
N LYS B 161 1.03 -8.94 3.78
CA LYS B 161 0.72 -10.29 4.17
C LYS B 161 -0.35 -10.99 3.35
N TYR B 162 -1.20 -10.27 2.68
CA TYR B 162 -2.27 -10.77 1.82
C TYR B 162 -1.82 -11.35 0.52
N PRO B 163 -2.40 -12.48 0.14
CA PRO B 163 -2.11 -13.17 -1.11
C PRO B 163 -2.24 -12.34 -2.41
N SER B 164 -3.10 -11.35 -2.40
CA SER B 164 -3.39 -10.42 -3.48
C SER B 164 -2.38 -9.31 -3.73
N VAL B 165 -1.61 -8.98 -2.67
CA VAL B 165 -0.62 -7.88 -2.59
C VAL B 165 0.78 -8.48 -2.86
N ILE B 166 1.59 -7.59 -3.44
CA ILE B 166 3.05 -7.78 -3.67
C ILE B 166 3.72 -7.10 -2.44
N ALA B 167 4.21 -8.01 -1.57
CA ALA B 167 4.97 -7.70 -0.37
C ALA B 167 6.47 -7.69 -0.67
N VAL B 168 6.99 -6.49 -0.38
CA VAL B 168 8.31 -6.02 -0.72
C VAL B 168 9.22 -5.77 0.50
N GLY B 169 10.25 -6.63 0.55
CA GLY B 169 11.35 -6.45 1.52
C GLY B 169 12.46 -5.56 0.95
N ALA B 170 13.37 -5.19 1.88
CA ALA B 170 14.52 -4.36 1.63
C ALA B 170 15.86 -5.04 1.63
N VAL B 171 16.56 -4.80 0.57
CA VAL B 171 17.91 -5.10 0.20
C VAL B 171 18.75 -3.83 0.36
N ASP B 172 20.04 -3.96 0.71
CA ASP B 172 20.99 -2.80 0.61
C ASP B 172 21.62 -2.78 -0.83
N SER B 173 22.66 -1.91 -1.01
CA SER B 173 23.44 -1.75 -2.22
C SER B 173 24.23 -2.94 -2.72
N SER B 174 24.60 -3.82 -1.84
CA SER B 174 25.29 -5.09 -1.99
C SER B 174 24.42 -6.32 -2.07
N ASN B 175 23.10 -6.16 -2.32
CA ASN B 175 22.08 -7.20 -2.36
C ASN B 175 21.74 -7.94 -1.12
N GLN B 176 22.30 -7.45 0.01
CA GLN B 176 22.08 -8.01 1.32
C GLN B 176 20.79 -7.51 1.91
N ARG B 177 20.03 -8.46 2.45
CA ARG B 177 18.75 -8.22 3.15
C ARG B 177 19.04 -7.33 4.38
N ALA B 178 18.30 -6.22 4.43
CA ALA B 178 18.29 -5.28 5.56
C ALA B 178 17.81 -6.01 6.82
N SER B 179 18.56 -5.87 7.90
CA SER B 179 18.25 -6.49 9.20
C SER B 179 16.88 -6.34 9.83
N PHE B 180 16.28 -5.22 9.51
CA PHE B 180 14.92 -4.80 9.86
C PHE B 180 13.86 -5.44 9.00
N SER B 181 14.19 -5.88 7.78
CA SER B 181 13.37 -6.43 6.75
C SER B 181 12.60 -7.67 7.14
N SER B 182 11.25 -7.51 7.17
CA SER B 182 10.31 -8.53 7.54
C SER B 182 10.41 -9.75 6.60
N VAL B 183 10.36 -10.88 7.28
CA VAL B 183 10.61 -12.20 6.65
C VAL B 183 9.27 -13.00 6.63
N GLY B 184 9.23 -14.00 5.78
CA GLY B 184 8.21 -14.97 5.66
C GLY B 184 7.76 -15.43 4.31
N PRO B 185 6.83 -16.39 4.32
CA PRO B 185 6.23 -16.96 3.10
C PRO B 185 5.45 -15.99 2.20
N GLU B 186 5.07 -14.90 2.78
CA GLU B 186 4.30 -13.81 2.22
C GLU B 186 5.13 -12.76 1.53
N LEU B 187 6.47 -12.84 1.73
CA LEU B 187 7.50 -12.11 1.05
C LEU B 187 7.62 -12.49 -0.42
N ASP B 188 7.42 -11.40 -1.20
CA ASP B 188 7.40 -11.59 -2.67
C ASP B 188 8.64 -11.18 -3.42
N VAL B 189 9.16 -10.02 -3.22
CA VAL B 189 10.34 -9.41 -3.95
C VAL B 189 11.13 -8.48 -3.04
N MET B 190 12.35 -8.21 -3.39
CA MET B 190 13.29 -7.28 -2.77
C MET B 190 13.58 -6.18 -3.81
N ALA B 191 13.73 -4.96 -3.35
CA ALA B 191 13.99 -3.68 -3.89
C ALA B 191 14.86 -2.92 -2.90
N PRO B 192 15.59 -1.90 -3.37
CA PRO B 192 16.43 -1.06 -2.48
C PRO B 192 15.67 -0.33 -1.38
N GLY B 193 16.07 -0.67 -0.16
CA GLY B 193 15.46 -0.06 1.04
C GLY B 193 16.53 0.46 2.01
N VAL B 194 17.79 0.62 1.70
CA VAL B 194 18.81 1.01 2.77
C VAL B 194 19.42 2.30 2.33
N SER B 195 19.42 3.35 3.15
CA SER B 195 19.96 4.69 2.80
C SER B 195 19.55 5.32 1.48
N ILE B 196 18.22 5.30 1.30
CA ILE B 196 17.54 5.81 0.10
C ILE B 196 17.38 7.33 0.18
N VAL B 197 18.05 7.92 -0.83
CA VAL B 197 17.93 9.38 -1.05
C VAL B 197 16.72 9.56 -1.99
N SER B 198 15.80 10.30 -1.45
CA SER B 198 14.53 10.81 -2.00
C SER B 198 14.24 12.17 -1.45
N THR B 199 13.20 12.81 -1.93
CA THR B 199 12.56 14.05 -1.68
C THR B 199 11.86 13.98 -0.30
N LEU B 200 12.11 15.05 0.46
CA LEU B 200 11.58 15.29 1.78
C LEU B 200 10.94 16.69 1.81
N PRO B 201 9.94 16.85 2.70
CA PRO B 201 9.25 18.11 2.94
C PRO B 201 10.10 19.34 3.22
N GLY B 202 9.67 20.45 2.61
CA GLY B 202 10.39 21.71 2.59
C GLY B 202 11.48 21.88 1.60
N ASN B 203 11.32 21.34 0.36
CA ASN B 203 12.32 21.39 -0.71
C ASN B 203 13.68 20.76 -0.38
N LYS B 204 13.51 19.54 0.11
CA LYS B 204 14.61 18.76 0.69
C LYS B 204 14.80 17.44 0.05
N TYR B 205 15.96 16.87 0.30
CA TYR B 205 16.50 15.57 -0.02
C TYR B 205 17.06 14.90 1.20
N GLY B 206 17.01 13.55 1.21
CA GLY B 206 17.60 12.84 2.39
C GLY B 206 17.36 11.35 2.32
N ALA B 207 18.32 10.66 2.93
CA ALA B 207 18.30 9.19 3.06
C ALA B 207 17.34 8.72 4.12
N LYS B 208 16.50 7.77 3.72
CA LYS B 208 15.62 7.00 4.57
C LYS B 208 15.91 5.52 4.31
N SER B 209 15.73 4.71 5.33
CA SER B 209 15.84 3.26 5.37
C SER B 209 14.51 2.69 5.84
N GLY B 210 14.12 1.63 5.21
CA GLY B 210 12.82 0.96 5.58
C GLY B 210 12.35 0.20 4.38
N THR B 211 11.43 -0.74 4.65
CA THR B 211 10.69 -1.41 3.50
C THR B 211 9.80 -0.50 2.70
N ALA B 212 9.49 0.66 3.25
CA ALA B 212 8.69 1.77 2.68
C ALA B 212 9.48 2.44 1.55
N MET B 213 10.78 2.34 1.55
CA MET B 213 11.78 2.77 0.53
C MET B 213 11.92 1.70 -0.52
N ALA B 214 11.86 0.39 -0.15
CA ALA B 214 11.84 -0.70 -1.18
C ALA B 214 10.56 -0.77 -1.99
N SER B 215 9.36 -0.66 -1.36
CA SER B 215 8.04 -0.60 -1.96
C SER B 215 7.83 0.27 -3.17
N PRO B 216 8.04 1.57 -3.14
CA PRO B 216 8.01 2.47 -4.32
C PRO B 216 8.83 2.14 -5.53
N HIS B 217 9.95 1.44 -5.38
CA HIS B 217 10.80 0.92 -6.45
C HIS B 217 10.10 -0.14 -7.31
N VAL B 218 9.22 -0.92 -6.72
CA VAL B 218 8.35 -1.97 -7.27
C VAL B 218 7.09 -1.27 -7.79
N ALA B 219 6.43 -0.33 -7.09
CA ALA B 219 5.27 0.39 -7.70
C ALA B 219 5.69 1.21 -8.96
N GLY B 220 6.94 1.71 -8.98
CA GLY B 220 7.57 2.37 -10.13
C GLY B 220 7.91 1.43 -11.26
N ALA B 221 8.35 0.22 -10.99
CA ALA B 221 8.59 -0.90 -11.86
C ALA B 221 7.31 -1.41 -12.53
N ALA B 222 6.17 -1.45 -11.90
CA ALA B 222 4.86 -1.84 -12.43
C ALA B 222 4.32 -0.85 -13.46
N ALA B 223 4.48 0.42 -13.26
CA ALA B 223 4.29 1.60 -14.09
C ALA B 223 5.19 1.57 -15.31
N LEU B 224 6.44 1.15 -15.20
CA LEU B 224 7.34 0.99 -16.35
C LEU B 224 6.97 -0.16 -17.28
N ILE B 225 6.53 -1.30 -16.72
CA ILE B 225 6.02 -2.46 -17.50
C ILE B 225 4.71 -2.08 -18.23
N LEU B 226 3.77 -1.47 -17.50
CA LEU B 226 2.54 -0.93 -18.04
C LEU B 226 2.57 0.08 -19.14
N SER B 227 3.68 0.80 -19.25
CA SER B 227 4.08 1.74 -20.29
C SER B 227 4.61 1.08 -21.55
N LYS B 228 5.32 -0.02 -21.46
CA LYS B 228 5.76 -0.93 -22.52
C LYS B 228 4.65 -1.92 -22.90
N HIS B 229 3.81 -2.36 -21.95
CA HIS B 229 2.77 -3.38 -22.23
C HIS B 229 1.46 -2.93 -21.67
N PRO B 230 0.85 -1.88 -22.30
CA PRO B 230 -0.44 -1.31 -21.86
C PRO B 230 -1.65 -2.24 -21.78
N ASN B 231 -1.45 -3.37 -22.45
CA ASN B 231 -2.38 -4.48 -22.60
C ASN B 231 -2.21 -5.60 -21.64
N TRP B 232 -1.11 -5.58 -20.81
CA TRP B 232 -0.85 -6.46 -19.72
C TRP B 232 -1.73 -6.18 -18.55
N THR B 233 -2.26 -7.26 -18.01
CA THR B 233 -3.12 -7.16 -16.77
C THR B 233 -2.20 -7.05 -15.55
N ASN B 234 -2.71 -6.69 -14.41
CA ASN B 234 -2.03 -6.77 -13.07
C ASN B 234 -1.38 -8.14 -12.80
N THR B 235 -2.01 -9.19 -13.23
CA THR B 235 -1.66 -10.61 -13.20
C THR B 235 -0.34 -10.88 -13.98
N GLN B 236 -0.26 -10.33 -15.16
CA GLN B 236 0.93 -10.39 -16.02
C GLN B 236 2.08 -9.57 -15.51
N VAL B 237 1.78 -8.42 -14.92
CA VAL B 237 2.72 -7.42 -14.35
C VAL B 237 3.40 -8.05 -13.13
N ARG B 238 2.62 -8.60 -12.22
CA ARG B 238 3.09 -9.37 -11.09
C ARG B 238 3.89 -10.62 -11.45
N SER B 239 3.40 -11.48 -12.34
CA SER B 239 4.13 -12.72 -12.71
C SER B 239 5.51 -12.45 -13.35
N SER B 240 5.60 -11.45 -14.21
CA SER B 240 6.84 -10.98 -14.82
C SER B 240 7.85 -10.39 -13.83
N LEU B 241 7.40 -9.64 -12.85
CA LEU B 241 8.19 -9.13 -11.76
C LEU B 241 8.79 -10.17 -10.82
N GLU B 242 7.97 -11.17 -10.50
CA GLU B 242 8.37 -12.28 -9.64
C GLU B 242 9.27 -13.31 -10.34
N ASN B 243 9.02 -13.58 -11.63
CA ASN B 243 9.76 -14.44 -12.48
C ASN B 243 11.11 -13.97 -13.03
N THR B 244 11.35 -12.67 -13.10
CA THR B 244 12.58 -12.13 -13.77
C THR B 244 13.61 -11.48 -12.87
N THR B 245 13.46 -11.66 -11.57
CA THR B 245 14.26 -11.24 -10.44
C THR B 245 15.76 -11.73 -10.53
N THR B 246 16.59 -11.00 -9.87
CA THR B 246 17.99 -11.39 -9.51
C THR B 246 17.72 -12.15 -8.16
N LYS B 247 17.82 -13.44 -8.36
CA LYS B 247 17.62 -14.49 -7.39
C LYS B 247 18.78 -14.49 -6.35
N LEU B 248 18.31 -14.27 -5.15
CA LEU B 248 19.05 -14.14 -3.89
C LEU B 248 18.94 -15.38 -3.09
N GLY B 249 18.97 -15.44 -1.78
CA GLY B 249 18.75 -16.72 -1.07
C GLY B 249 17.29 -17.16 -1.01
N ASP B 250 17.03 -17.62 0.16
CA ASP B 250 15.76 -18.23 0.66
C ASP B 250 14.57 -17.30 0.49
N SER B 251 13.56 -17.79 -0.16
CA SER B 251 12.26 -17.06 -0.35
C SER B 251 11.63 -16.48 0.91
N PHE B 252 12.03 -17.07 2.05
CA PHE B 252 11.56 -16.62 3.38
C PHE B 252 12.18 -15.33 3.85
N TYR B 253 13.34 -14.98 3.35
CA TYR B 253 14.18 -13.85 3.58
C TYR B 253 14.31 -12.82 2.49
N TYR B 254 14.20 -13.31 1.28
CA TYR B 254 14.37 -12.63 0.00
C TYR B 254 13.30 -12.66 -1.00
N GLY B 255 12.23 -13.47 -0.76
CA GLY B 255 11.14 -13.68 -1.76
C GLY B 255 11.73 -14.37 -3.02
N LYS B 256 11.36 -13.81 -4.16
CA LYS B 256 11.87 -14.26 -5.45
C LYS B 256 13.29 -13.82 -5.81
N GLY B 257 13.79 -12.78 -5.19
CA GLY B 257 14.99 -12.02 -5.28
C GLY B 257 14.75 -10.55 -5.52
N LEU B 258 15.82 -9.88 -6.04
CA LEU B 258 15.82 -8.49 -6.46
C LEU B 258 15.07 -8.39 -7.82
N ILE B 259 14.17 -7.40 -7.88
CA ILE B 259 13.46 -6.98 -9.05
C ILE B 259 14.47 -6.43 -10.14
N ASN B 260 14.22 -7.03 -11.30
CA ASN B 260 14.92 -6.66 -12.52
C ASN B 260 13.78 -6.19 -13.47
N VAL B 261 13.68 -4.86 -13.56
CA VAL B 261 12.69 -4.19 -14.42
C VAL B 261 12.87 -4.39 -15.93
N GLN B 262 14.08 -4.44 -16.40
CA GLN B 262 14.55 -4.69 -17.75
C GLN B 262 14.20 -6.10 -18.23
N ALA B 263 14.49 -7.12 -17.42
CA ALA B 263 14.11 -8.50 -17.67
C ALA B 263 12.58 -8.66 -17.59
N ALA B 264 11.93 -8.05 -16.60
CA ALA B 264 10.51 -8.06 -16.33
C ALA B 264 9.61 -7.43 -17.35
N ALA B 265 10.09 -6.36 -17.99
CA ALA B 265 9.41 -5.61 -19.03
C ALA B 265 9.18 -6.34 -20.33
N GLN B 266 9.97 -7.32 -20.69
CA GLN B 266 10.00 -8.11 -21.90
C GLN B 266 10.09 -7.26 -23.18
#